data_6WYS
#
_entry.id   6WYS
#
_cell.length_a   187.789
_cell.length_b   187.789
_cell.length_c   158.411
_cell.angle_alpha   90.000
_cell.angle_beta   90.000
_cell.angle_gamma   120.000
#
_symmetry.space_group_name_H-M   'H 3 2'
#
loop_
_entity.id
_entity.type
_entity.pdbx_description
1 polymer 'Lon protease homolog, mitochondrial'
2 non-polymer 'SULFATE ION'
3 water water
#
_entity_poly.entity_id   1
_entity_poly.type   'polypeptide(L)'
_entity_poly.pdbx_seq_one_letter_code
;MGSDKIHHHHHHERMYDVTPPGVVMGLAWTAMGGSTLFVETSLRRPQDKDAKGDKDGSLEVTGQLGEVMKESARIAYTFA
RAFLMQHAPANDYLVTSHIHLHVPEGATPKDGPSAGCTIVTALLSLAMGRPVRQNLAMTGEVSLTGKILPVGGIKEKTIA
AKRAGVTCIVLPAENKKDFYDLAAFITEGLEVHFVEHYREIFDIAFPDEQAEALAVER
;
_entity_poly.pdbx_strand_id   A,B,C
#
loop_
_chem_comp.id
_chem_comp.type
_chem_comp.name
_chem_comp.formula
SO4 non-polymer 'SULFATE ION' 'O4 S -2'
#
# COMPACT_ATOMS: atom_id res chain seq x y z
N GLU A 13 2.89 7.43 16.76
CA GLU A 13 3.67 7.65 15.55
C GLU A 13 2.82 8.24 14.40
N ARG A 14 2.33 7.39 13.50
CA ARG A 14 1.71 7.86 12.26
C ARG A 14 1.13 6.67 11.50
N MET A 15 0.25 6.98 10.54
CA MET A 15 -0.55 5.96 9.87
C MET A 15 0.31 4.96 9.09
N TYR A 16 1.26 5.45 8.27
CA TYR A 16 2.16 4.58 7.49
C TYR A 16 3.56 4.66 8.07
N ASP A 17 4.11 3.51 8.51
CA ASP A 17 5.53 3.45 8.84
C ASP A 17 6.38 3.46 7.56
N VAL A 18 5.95 2.75 6.53
CA VAL A 18 6.62 2.69 5.24
C VAL A 18 5.56 2.94 4.17
N THR A 19 5.84 3.89 3.25
CA THR A 19 4.87 4.26 2.23
C THR A 19 5.12 3.51 0.92
N PRO A 20 4.09 2.87 0.37
CA PRO A 20 4.23 2.21 -0.95
C PRO A 20 4.12 3.24 -2.07
N PRO A 21 4.21 2.83 -3.35
CA PRO A 21 3.98 3.81 -4.43
C PRO A 21 2.61 4.44 -4.31
N GLY A 22 2.53 5.73 -4.64
CA GLY A 22 1.29 6.46 -4.64
C GLY A 22 0.82 6.99 -3.30
N VAL A 23 1.64 6.89 -2.25
CA VAL A 23 1.31 7.39 -0.91
C VAL A 23 2.41 8.35 -0.46
N VAL A 24 2.03 9.56 -0.05
CA VAL A 24 2.98 10.59 0.36
C VAL A 24 2.53 11.24 1.66
N MET A 25 3.48 11.53 2.55
CA MET A 25 3.17 12.10 3.85
C MET A 25 3.16 13.63 3.78
N GLY A 26 2.05 14.21 4.21
CA GLY A 26 1.91 15.64 4.25
C GLY A 26 1.70 16.08 5.68
N LEU A 27 1.46 17.36 5.90
CA LEU A 27 1.31 17.87 7.24
C LEU A 27 0.13 18.84 7.28
N ALA A 28 -0.47 18.97 8.46
CA ALA A 28 -1.63 19.83 8.67
C ALA A 28 -1.56 20.45 10.06
N TRP A 29 -2.43 21.43 10.30
CA TRP A 29 -2.58 21.99 11.63
C TRP A 29 -3.99 22.54 11.83
N THR A 30 -4.39 22.63 13.10
CA THR A 30 -5.57 23.37 13.54
C THR A 30 -5.18 24.22 14.74
N ALA A 31 -6.15 24.87 15.38
CA ALA A 31 -5.84 25.58 16.62
C ALA A 31 -5.35 24.63 17.71
N MET A 32 -5.70 23.34 17.64
CA MET A 32 -5.26 22.35 18.60
C MET A 32 -3.80 21.92 18.41
N GLY A 33 -3.20 22.17 17.26
CA GLY A 33 -1.83 21.75 17.04
C GLY A 33 -1.65 21.16 15.66
N GLY A 34 -0.50 20.53 15.44
CA GLY A 34 -0.15 19.99 14.15
C GLY A 34 -0.37 18.49 14.08
N SER A 35 -0.39 17.98 12.84
CA SER A 35 -0.60 16.56 12.63
C SER A 35 0.04 16.14 11.32
N THR A 36 0.18 14.84 11.16
CA THR A 36 0.60 14.29 9.88
C THR A 36 -0.62 13.74 9.15
N LEU A 37 -0.54 13.75 7.83
CA LEU A 37 -1.57 13.16 7.01
C LEU A 37 -0.89 12.42 5.89
N PHE A 38 -1.59 11.46 5.31
CA PHE A 38 -1.09 10.72 4.16
C PHE A 38 -2.09 10.88 3.01
N VAL A 39 -1.60 11.38 1.90
CA VAL A 39 -2.34 11.37 0.64
C VAL A 39 -2.23 9.97 0.05
N GLU A 40 -3.36 9.36 -0.25
CA GLU A 40 -3.40 8.06 -0.89
C GLU A 40 -3.98 8.19 -2.31
N THR A 41 -3.43 7.37 -3.23
CA THR A 41 -3.91 7.28 -4.60
C THR A 41 -3.95 5.83 -5.02
N SER A 42 -4.76 5.55 -6.03
CA SER A 42 -5.00 4.17 -6.47
C SER A 42 -5.70 4.22 -7.81
N LEU A 43 -5.44 3.22 -8.64
CA LEU A 43 -6.31 3.01 -9.79
C LEU A 43 -7.69 2.60 -9.30
N ARG A 44 -8.72 3.02 -10.03
CA ARG A 44 -10.05 2.48 -9.80
C ARG A 44 -10.57 1.68 -10.99
N ARG A 45 -9.84 1.67 -12.10
CA ARG A 45 -10.15 0.87 -13.27
C ARG A 45 -8.84 0.33 -13.84
N PRO A 46 -8.86 -0.84 -14.46
CA PRO A 46 -7.63 -1.39 -15.05
C PRO A 46 -7.18 -0.58 -16.25
N GLN A 47 -5.85 -0.52 -16.42
CA GLN A 47 -5.27 0.06 -17.64
C GLN A 47 -5.46 -0.88 -18.82
N ASP A 56 -8.92 8.96 -22.23
CA ASP A 56 -9.09 10.17 -21.40
C ASP A 56 -9.32 9.87 -19.90
N GLY A 57 -8.24 9.99 -19.10
CA GLY A 57 -8.30 9.61 -17.70
C GLY A 57 -9.03 10.62 -16.83
N SER A 58 -9.26 10.22 -15.57
CA SER A 58 -10.00 11.05 -14.64
C SER A 58 -9.47 10.88 -13.23
N LEU A 59 -9.84 11.82 -12.36
CA LEU A 59 -9.47 11.79 -10.95
C LEU A 59 -10.73 11.93 -10.09
N GLU A 60 -10.99 10.93 -9.25
CA GLU A 60 -12.00 10.99 -8.20
C GLU A 60 -11.32 11.31 -6.87
N VAL A 61 -11.94 12.19 -6.08
CA VAL A 61 -11.33 12.67 -4.84
C VAL A 61 -12.30 12.49 -3.68
N THR A 62 -11.79 12.03 -2.55
CA THR A 62 -12.54 11.84 -1.29
C THR A 62 -11.67 12.23 -0.08
N GLY A 63 -12.30 12.45 1.07
CA GLY A 63 -11.59 12.80 2.33
C GLY A 63 -12.14 14.06 2.99
N GLN A 64 -13.44 14.35 2.82
CA GLN A 64 -14.04 15.57 3.40
C GLN A 64 -13.18 16.79 3.10
N LEU A 65 -12.82 16.94 1.85
CA LEU A 65 -11.99 18.06 1.43
C LEU A 65 -12.85 19.29 1.17
N GLY A 66 -12.42 20.46 1.69
CA GLY A 66 -13.10 21.71 1.38
C GLY A 66 -12.86 22.15 -0.05
N GLU A 67 -13.57 23.21 -0.45
CA GLU A 67 -13.48 23.71 -1.84
C GLU A 67 -12.04 24.06 -2.21
N VAL A 68 -11.34 24.79 -1.34
CA VAL A 68 -9.99 25.22 -1.71
C VAL A 68 -9.08 24.00 -1.90
N MET A 69 -9.24 22.97 -1.06
CA MET A 69 -8.39 21.80 -1.18
C MET A 69 -8.76 20.98 -2.41
N LYS A 70 -10.05 20.92 -2.76
CA LYS A 70 -10.42 20.23 -3.99
C LYS A 70 -9.83 20.91 -5.21
N GLU A 71 -9.84 22.25 -5.22
CA GLU A 71 -9.20 22.94 -6.34
C GLU A 71 -7.71 22.62 -6.40
N SER A 72 -7.05 22.58 -5.23
CA SER A 72 -5.62 22.28 -5.26
C SER A 72 -5.36 20.89 -5.83
N ALA A 73 -6.27 19.93 -5.58
CA ALA A 73 -6.14 18.62 -6.22
C ALA A 73 -6.26 18.73 -7.74
N ARG A 74 -7.16 19.58 -8.23
CA ARG A 74 -7.27 19.78 -9.68
C ARG A 74 -6.02 20.43 -10.25
N ILE A 75 -5.50 21.46 -9.57
CA ILE A 75 -4.26 22.10 -10.01
C ILE A 75 -3.12 21.08 -10.01
N ALA A 76 -2.96 20.36 -8.89
CA ALA A 76 -1.93 19.32 -8.78
C ALA A 76 -2.06 18.30 -9.88
N TYR A 77 -3.31 17.95 -10.24
CA TYR A 77 -3.58 16.95 -11.27
C TYR A 77 -3.14 17.45 -12.64
N THR A 78 -3.50 18.68 -12.98
CA THR A 78 -3.01 19.24 -14.23
C THR A 78 -1.49 19.36 -14.22
N PHE A 79 -0.91 19.86 -13.13
CA PHE A 79 0.53 20.04 -13.14
C PHE A 79 1.25 18.70 -13.21
N ALA A 80 0.75 17.69 -12.51
CA ALA A 80 1.41 16.40 -12.52
C ALA A 80 1.43 15.81 -13.92
N ARG A 81 0.34 15.99 -14.68
CA ARG A 81 0.35 15.51 -16.06
C ARG A 81 1.35 16.28 -16.89
N ALA A 82 1.38 17.61 -16.77
CA ALA A 82 2.38 18.38 -17.52
C ALA A 82 3.78 17.97 -17.13
N PHE A 83 4.04 17.83 -15.82
CA PHE A 83 5.37 17.44 -15.40
C PHE A 83 5.76 16.08 -15.98
N LEU A 84 4.81 15.14 -16.03
CA LEU A 84 5.13 13.84 -16.57
C LEU A 84 5.28 13.87 -18.10
N MET A 85 4.59 14.79 -18.79
CA MET A 85 4.77 14.93 -20.24
C MET A 85 6.21 15.32 -20.59
N GLN A 86 6.93 15.97 -19.66
CA GLN A 86 8.34 16.33 -19.85
C GLN A 86 9.28 15.23 -19.36
N HIS A 87 9.31 15.02 -18.04
CA HIS A 87 10.27 14.09 -17.44
C HIS A 87 10.25 12.71 -18.09
N ALA A 88 9.11 12.31 -18.66
CA ALA A 88 8.98 10.99 -19.25
C ALA A 88 7.82 10.96 -20.24
N PRO A 89 7.99 11.53 -21.43
CA PRO A 89 6.88 11.59 -22.39
C PRO A 89 6.32 10.24 -22.80
N ALA A 90 7.08 9.15 -22.62
CA ALA A 90 6.55 7.84 -22.97
C ALA A 90 5.52 7.32 -21.97
N ASN A 91 5.40 7.95 -20.80
CA ASN A 91 4.54 7.45 -19.72
C ASN A 91 3.20 8.19 -19.76
N ASP A 92 2.19 7.57 -20.36
CA ASP A 92 0.84 8.13 -20.47
C ASP A 92 -0.05 7.76 -19.29
N TYR A 93 0.53 7.27 -18.20
CA TYR A 93 -0.25 6.75 -17.07
C TYR A 93 -1.27 7.78 -16.58
N LEU A 94 -0.84 9.01 -16.31
CA LEU A 94 -1.75 9.97 -15.70
C LEU A 94 -2.76 10.49 -16.69
N VAL A 95 -2.39 10.47 -17.97
CA VAL A 95 -3.23 10.96 -19.05
C VAL A 95 -4.37 9.99 -19.36
N THR A 96 -4.15 8.68 -19.20
CA THR A 96 -5.15 7.69 -19.54
C THR A 96 -5.80 6.98 -18.35
N SER A 97 -5.17 6.96 -17.17
CA SER A 97 -5.70 6.09 -16.14
C SER A 97 -6.82 6.76 -15.37
N HIS A 98 -7.66 5.93 -14.72
CA HIS A 98 -8.73 6.40 -13.85
C HIS A 98 -8.28 6.22 -12.41
N ILE A 99 -8.02 7.34 -11.73
CA ILE A 99 -7.38 7.33 -10.43
C ILE A 99 -8.34 7.80 -9.36
N HIS A 100 -8.14 7.30 -8.14
CA HIS A 100 -8.86 7.74 -6.94
C HIS A 100 -7.82 8.28 -5.97
N LEU A 101 -8.07 9.48 -5.44
CA LEU A 101 -7.21 10.12 -4.46
C LEU A 101 -8.01 10.31 -3.17
N HIS A 102 -7.39 9.99 -2.03
CA HIS A 102 -8.05 10.01 -0.74
C HIS A 102 -7.11 10.56 0.31
N VAL A 103 -7.67 11.27 1.28
CA VAL A 103 -6.90 11.78 2.40
C VAL A 103 -7.65 11.32 3.65
N PRO A 104 -7.23 10.21 4.28
CA PRO A 104 -7.77 9.75 5.56
C PRO A 104 -7.42 10.71 6.71
N GLU A 105 -8.12 10.66 7.83
CA GLU A 105 -9.24 9.74 8.08
C GLU A 105 -10.52 10.28 7.42
N GLY A 106 -11.46 9.38 7.16
CA GLY A 106 -12.55 9.67 6.26
C GLY A 106 -13.47 10.77 6.74
N ALA A 107 -13.65 10.91 8.06
CA ALA A 107 -14.61 11.82 8.66
C ALA A 107 -14.03 13.20 8.96
N THR A 108 -12.72 13.36 8.94
CA THR A 108 -12.11 14.61 9.36
C THR A 108 -12.18 15.65 8.26
N PRO A 109 -12.81 16.82 8.50
CA PRO A 109 -12.82 17.86 7.46
C PRO A 109 -11.42 18.41 7.25
N LYS A 110 -11.07 18.64 5.98
CA LYS A 110 -9.77 19.19 5.63
C LYS A 110 -9.95 20.27 4.58
N ASP A 111 -9.14 21.33 4.66
CA ASP A 111 -9.21 22.37 3.63
C ASP A 111 -7.87 23.09 3.52
N GLY A 112 -7.79 23.99 2.54
CA GLY A 112 -6.62 24.79 2.35
C GLY A 112 -5.81 24.23 1.20
N PRO A 113 -4.83 24.99 0.75
CA PRO A 113 -4.04 24.58 -0.44
C PRO A 113 -2.66 24.00 -0.11
N SER A 114 -2.33 23.77 1.16
CA SER A 114 -0.96 23.46 1.52
C SER A 114 -0.53 22.03 1.20
N ALA A 115 -1.45 21.18 0.73
CA ALA A 115 -1.10 19.82 0.33
C ALA A 115 -0.96 19.65 -1.18
N GLY A 116 -0.92 20.76 -1.93
CA GLY A 116 -0.76 20.66 -3.39
C GLY A 116 0.49 19.90 -3.82
N CYS A 117 1.65 20.26 -3.28
CA CYS A 117 2.87 19.53 -3.64
C CYS A 117 2.76 18.06 -3.23
N THR A 118 2.16 17.81 -2.07
CA THR A 118 1.92 16.45 -1.62
C THR A 118 1.10 15.68 -2.65
N ILE A 119 0.09 16.33 -3.23
CA ILE A 119 -0.78 15.62 -4.16
C ILE A 119 -0.08 15.38 -5.49
N VAL A 120 0.68 16.36 -5.99
CA VAL A 120 1.50 16.15 -7.19
C VAL A 120 2.40 14.94 -6.98
N THR A 121 3.07 14.89 -5.82
CA THR A 121 4.04 13.83 -5.54
C THR A 121 3.35 12.47 -5.50
N ALA A 122 2.19 12.40 -4.84
CA ALA A 122 1.45 11.14 -4.81
C ALA A 122 1.09 10.68 -6.21
N LEU A 123 0.69 11.61 -7.08
CA LEU A 123 0.25 11.22 -8.41
C LEU A 123 1.42 10.73 -9.25
N LEU A 124 2.57 11.42 -9.14
CA LEU A 124 3.76 11.00 -9.88
C LEU A 124 4.31 9.69 -9.33
N SER A 125 4.28 9.53 -8.00
CA SER A 125 4.73 8.28 -7.40
C SER A 125 3.90 7.09 -7.87
N LEU A 126 2.58 7.28 -7.97
CA LEU A 126 1.72 6.21 -8.48
C LEU A 126 1.99 5.92 -9.94
N ALA A 127 2.14 6.98 -10.74
CA ALA A 127 2.33 6.82 -12.18
C ALA A 127 3.70 6.23 -12.54
N MET A 128 4.70 6.37 -11.67
CA MET A 128 6.00 5.77 -11.91
C MET A 128 6.17 4.40 -11.26
N GLY A 129 5.24 4.00 -10.40
CA GLY A 129 5.45 2.78 -9.62
C GLY A 129 6.64 2.86 -8.68
N ARG A 130 6.91 4.04 -8.12
CA ARG A 130 8.07 4.25 -7.26
C ARG A 130 7.64 4.92 -5.95
N PRO A 131 7.96 4.34 -4.80
CA PRO A 131 7.69 5.05 -3.53
C PRO A 131 8.58 6.27 -3.44
N VAL A 132 8.15 7.22 -2.62
CA VAL A 132 9.00 8.37 -2.31
C VAL A 132 9.97 7.97 -1.20
N ARG A 133 10.99 8.80 -1.03
CA ARG A 133 11.92 8.64 0.06
C ARG A 133 11.16 8.48 1.40
N GLN A 134 11.64 7.55 2.23
CA GLN A 134 10.96 7.28 3.50
C GLN A 134 11.33 8.33 4.56
N ASN A 135 10.45 8.48 5.54
CA ASN A 135 10.59 9.46 6.63
C ASN A 135 10.68 10.88 6.08
N LEU A 136 10.02 11.12 4.96
CA LEU A 136 9.94 12.42 4.34
C LEU A 136 8.52 12.96 4.48
N ALA A 137 8.40 14.27 4.70
CA ALA A 137 7.10 14.93 4.70
C ALA A 137 7.25 16.30 4.09
N MET A 138 6.13 16.84 3.59
CA MET A 138 6.17 18.09 2.85
C MET A 138 4.85 18.83 3.02
N THR A 139 4.93 20.13 2.77
CA THR A 139 3.78 21.01 2.77
C THR A 139 4.16 22.17 1.85
N GLY A 140 3.18 22.66 1.11
CA GLY A 140 3.42 23.76 0.20
C GLY A 140 2.32 23.85 -0.83
N GLU A 141 1.90 25.06 -1.16
CA GLU A 141 0.90 25.26 -2.21
C GLU A 141 1.61 25.20 -3.56
N VAL A 142 0.96 24.59 -4.54
CA VAL A 142 1.53 24.49 -5.88
C VAL A 142 0.68 25.34 -6.83
N SER A 143 1.34 26.06 -7.72
CA SER A 143 0.62 26.79 -8.75
C SER A 143 0.55 25.95 -10.02
N LEU A 144 -0.15 26.47 -11.02
CA LEU A 144 -0.41 25.67 -12.22
C LEU A 144 0.88 25.34 -12.96
N THR A 145 1.87 26.22 -12.92
CA THR A 145 3.16 25.93 -13.55
C THR A 145 4.14 25.26 -12.60
N GLY A 146 3.74 24.96 -11.37
CA GLY A 146 4.62 24.23 -10.47
C GLY A 146 5.37 25.06 -9.46
N LYS A 147 5.14 26.37 -9.39
CA LYS A 147 5.71 27.18 -8.33
C LYS A 147 5.19 26.72 -6.96
N ILE A 148 6.05 26.82 -5.96
CA ILE A 148 5.70 26.43 -4.59
C ILE A 148 5.52 27.71 -3.79
N LEU A 149 4.30 27.90 -3.24
CA LEU A 149 3.94 29.12 -2.54
C LEU A 149 3.88 28.90 -1.03
N PRO A 150 4.10 29.95 -0.22
CA PRO A 150 4.14 29.77 1.23
C PRO A 150 2.80 29.37 1.82
N VAL A 151 2.86 28.66 2.94
CA VAL A 151 1.69 28.16 3.64
C VAL A 151 1.79 28.59 5.11
N GLY A 152 0.77 28.20 5.90
CA GLY A 152 0.73 28.52 7.31
C GLY A 152 1.10 27.33 8.20
N GLY A 153 1.10 27.59 9.51
CA GLY A 153 1.30 26.52 10.47
C GLY A 153 2.68 25.86 10.47
N ILE A 154 3.72 26.60 10.07
CA ILE A 154 5.06 26.00 9.95
C ILE A 154 5.49 25.39 11.28
N LYS A 155 5.30 26.14 12.37
CA LYS A 155 5.65 25.62 13.69
C LYS A 155 4.95 24.30 13.98
N GLU A 156 3.62 24.30 13.92
CA GLU A 156 2.87 23.10 14.28
C GLU A 156 3.23 21.95 13.37
N LYS A 157 3.34 22.21 12.06
CA LYS A 157 3.67 21.16 11.11
C LYS A 157 5.05 20.57 11.41
N THR A 158 6.03 21.43 11.66
CA THR A 158 7.38 20.96 11.95
C THR A 158 7.41 20.11 13.22
N ILE A 159 6.77 20.60 14.29
CA ILE A 159 6.74 19.82 15.53
C ILE A 159 6.05 18.48 15.30
N ALA A 160 4.95 18.47 14.53
CA ALA A 160 4.25 17.20 14.31
C ALA A 160 5.08 16.24 13.46
N ALA A 161 5.83 16.79 12.49
CA ALA A 161 6.68 15.92 11.68
C ALA A 161 7.75 15.26 12.54
N LYS A 162 8.45 16.05 13.35
CA LYS A 162 9.45 15.51 14.28
C LYS A 162 8.86 14.39 15.14
N ARG A 163 7.73 14.68 15.80
CA ARG A 163 7.12 13.71 16.70
C ARG A 163 6.78 12.41 15.98
N ALA A 164 6.47 12.48 14.69
CA ALA A 164 6.14 11.30 13.89
C ALA A 164 7.36 10.58 13.32
N GLY A 165 8.58 11.00 13.64
CA GLY A 165 9.75 10.34 13.09
C GLY A 165 10.17 10.80 11.71
N VAL A 166 9.65 11.92 11.24
CA VAL A 166 10.09 12.48 9.96
C VAL A 166 11.53 12.97 10.11
N THR A 167 12.41 12.57 9.18
CA THR A 167 13.80 13.03 9.19
C THR A 167 14.11 14.00 8.06
N CYS A 168 13.22 14.15 7.07
CA CYS A 168 13.44 15.05 5.95
C CYS A 168 12.15 15.78 5.67
N ILE A 169 12.18 17.12 5.74
CA ILE A 169 10.99 17.93 5.61
C ILE A 169 11.21 18.96 4.52
N VAL A 170 10.18 19.16 3.70
CA VAL A 170 10.23 20.02 2.51
C VAL A 170 9.23 21.16 2.71
N LEU A 171 9.72 22.39 2.63
CA LEU A 171 8.94 23.59 2.93
C LEU A 171 9.13 24.61 1.82
N PRO A 172 8.14 25.47 1.59
CA PRO A 172 8.31 26.54 0.59
C PRO A 172 9.42 27.51 0.97
N ALA A 173 10.14 28.00 -0.04
CA ALA A 173 11.28 28.87 0.23
C ALA A 173 10.86 30.08 1.04
N GLU A 174 9.66 30.59 0.80
CA GLU A 174 9.18 31.79 1.48
C GLU A 174 8.70 31.51 2.90
N ASN A 175 8.71 30.26 3.36
CA ASN A 175 8.47 29.93 4.77
C ASN A 175 9.78 29.77 5.53
N LYS A 176 10.89 30.24 4.97
CA LYS A 176 12.17 30.01 5.60
C LYS A 176 12.29 30.77 6.92
N LYS A 177 11.95 32.07 6.90
CA LYS A 177 11.92 32.85 8.14
C LYS A 177 11.01 32.19 9.20
N ASP A 178 9.86 31.68 8.78
CA ASP A 178 8.99 30.97 9.72
C ASP A 178 9.71 29.81 10.38
N PHE A 179 10.44 29.02 9.59
CA PHE A 179 11.16 27.87 10.11
C PHE A 179 12.22 28.30 11.13
N TYR A 180 12.98 29.35 10.81
CA TYR A 180 14.05 29.79 11.71
C TYR A 180 13.56 30.77 12.78
N ASP A 181 12.26 31.05 12.82
CA ASP A 181 11.67 31.62 14.02
C ASP A 181 11.59 30.61 15.15
N LEU A 182 11.69 29.32 14.84
CA LEU A 182 11.61 28.27 15.84
C LEU A 182 12.90 28.16 16.63
N ALA A 183 12.77 27.76 17.89
CA ALA A 183 13.93 27.54 18.72
C ALA A 183 14.79 26.41 18.16
N ALA A 184 16.11 26.54 18.31
CA ALA A 184 17.03 25.59 17.69
C ALA A 184 16.76 24.15 18.12
N PHE A 185 16.32 23.95 19.37
CA PHE A 185 16.10 22.57 19.82
C PHE A 185 14.97 21.91 19.06
N ILE A 186 14.09 22.68 18.43
CA ILE A 186 13.09 22.10 17.55
C ILE A 186 13.71 21.72 16.20
N THR A 187 14.53 22.59 15.63
CA THR A 187 14.93 22.43 14.23
C THR A 187 16.23 21.64 14.05
N GLU A 188 17.08 21.58 15.06
CA GLU A 188 18.32 20.82 14.95
C GLU A 188 18.03 19.34 14.69
N GLY A 189 18.94 18.68 14.00
CA GLY A 189 18.73 17.29 13.64
C GLY A 189 17.58 17.08 12.68
N LEU A 190 17.27 18.09 11.87
CA LEU A 190 16.24 17.99 10.85
C LEU A 190 16.85 18.42 9.53
N GLU A 191 16.88 17.50 8.57
CA GLU A 191 17.21 17.85 7.20
C GLU A 191 16.03 18.58 6.58
N VAL A 192 16.22 19.84 6.21
CA VAL A 192 15.14 20.67 5.70
C VAL A 192 15.53 21.21 4.33
N HIS A 193 14.57 21.23 3.41
CA HIS A 193 14.75 21.78 2.08
C HIS A 193 13.73 22.88 1.84
N PHE A 194 14.20 24.04 1.42
CA PHE A 194 13.37 25.19 1.07
C PHE A 194 13.37 25.31 -0.45
N VAL A 195 12.18 25.21 -1.05
CA VAL A 195 12.05 25.03 -2.49
C VAL A 195 11.17 26.11 -3.08
N GLU A 196 11.49 26.54 -4.31
CA GLU A 196 10.68 27.50 -5.05
C GLU A 196 9.86 26.87 -6.17
N HIS A 197 10.28 25.72 -6.69
CA HIS A 197 9.57 25.05 -7.79
C HIS A 197 9.44 23.56 -7.49
N TYR A 198 8.39 22.95 -8.04
CA TYR A 198 8.13 21.53 -7.75
C TYR A 198 9.29 20.64 -8.22
N ARG A 199 10.02 21.04 -9.27
CA ARG A 199 11.14 20.22 -9.74
C ARG A 199 12.13 19.92 -8.61
N GLU A 200 12.36 20.88 -7.70
CA GLU A 200 13.24 20.63 -6.56
C GLU A 200 12.66 19.56 -5.65
N ILE A 201 11.34 19.58 -5.45
CA ILE A 201 10.69 18.57 -4.64
C ILE A 201 10.86 17.20 -5.28
N PHE A 202 10.70 17.14 -6.59
CA PHE A 202 10.83 15.87 -7.29
C PHE A 202 12.19 15.24 -7.03
N ASP A 203 13.26 16.06 -7.06
CA ASP A 203 14.61 15.54 -6.89
C ASP A 203 14.84 15.05 -5.48
N ILE A 204 14.15 15.65 -4.51
CA ILE A 204 14.28 15.20 -3.12
C ILE A 204 13.43 13.96 -2.89
N ALA A 205 12.19 13.96 -3.38
CA ALA A 205 11.28 12.84 -3.15
C ALA A 205 11.75 11.59 -3.90
N PHE A 206 12.38 11.75 -5.04
CA PHE A 206 12.75 10.65 -5.93
C PHE A 206 14.23 10.81 -6.30
N PRO A 207 15.14 10.52 -5.36
CA PRO A 207 16.57 10.80 -5.63
C PRO A 207 17.18 9.97 -6.74
N ASP A 208 16.58 8.83 -7.13
CA ASP A 208 17.16 7.93 -8.10
C ASP A 208 16.51 8.03 -9.48
N GLU A 209 15.87 9.16 -9.80
CA GLU A 209 15.23 9.34 -11.11
C GLU A 209 15.96 10.36 -11.97
N HIS B 11 -28.96 -16.28 17.38
CA HIS B 11 -28.56 -16.12 15.98
C HIS B 11 -29.74 -15.65 15.13
N HIS B 12 -30.78 -15.12 15.78
CA HIS B 12 -32.07 -14.96 15.12
C HIS B 12 -32.63 -13.54 15.20
N GLU B 13 -32.38 -12.82 16.30
CA GLU B 13 -32.94 -11.49 16.47
C GLU B 13 -32.12 -10.49 15.66
N ARG B 14 -32.39 -10.48 14.35
CA ARG B 14 -31.66 -9.72 13.34
C ARG B 14 -32.34 -9.97 12.00
N MET B 15 -32.02 -9.12 11.02
CA MET B 15 -32.72 -9.15 9.74
C MET B 15 -32.49 -10.46 9.00
N TYR B 16 -31.24 -10.94 8.94
CA TYR B 16 -30.87 -12.15 8.22
C TYR B 16 -30.42 -13.24 9.18
N ASP B 17 -31.04 -14.41 9.08
CA ASP B 17 -30.46 -15.57 9.77
C ASP B 17 -29.23 -16.06 9.02
N VAL B 18 -29.38 -16.36 7.74
CA VAL B 18 -28.28 -16.81 6.89
C VAL B 18 -28.02 -15.71 5.86
N THR B 19 -26.76 -15.31 5.70
CA THR B 19 -26.56 -14.24 4.73
C THR B 19 -26.25 -14.82 3.36
N PRO B 20 -26.95 -14.38 2.32
CA PRO B 20 -26.63 -14.83 0.97
C PRO B 20 -25.36 -14.14 0.50
N PRO B 21 -24.83 -14.50 -0.68
CA PRO B 21 -23.70 -13.73 -1.23
C PRO B 21 -24.10 -12.27 -1.38
N GLY B 22 -23.17 -11.37 -1.08
CA GLY B 22 -23.38 -9.96 -1.25
C GLY B 22 -24.04 -9.26 -0.08
N VAL B 23 -24.35 -9.97 1.00
CA VAL B 23 -24.90 -9.40 2.23
C VAL B 23 -23.93 -9.66 3.36
N VAL B 24 -23.63 -8.63 4.14
CA VAL B 24 -22.67 -8.73 5.25
C VAL B 24 -23.24 -8.00 6.46
N MET B 25 -23.04 -8.59 7.64
CA MET B 25 -23.53 -8.00 8.87
C MET B 25 -22.51 -6.99 9.41
N GLY B 26 -22.95 -5.75 9.64
CA GLY B 26 -22.16 -4.74 10.27
C GLY B 26 -22.74 -4.36 11.62
N LEU B 27 -22.17 -3.29 12.20
CA LEU B 27 -22.56 -2.85 13.53
C LEU B 27 -22.64 -1.34 13.57
N ALA B 28 -23.58 -0.83 14.36
CA ALA B 28 -23.81 0.62 14.45
C ALA B 28 -24.14 0.96 15.88
N TRP B 29 -24.13 2.27 16.17
CA TRP B 29 -24.53 2.73 17.48
C TRP B 29 -25.02 4.17 17.41
N THR B 30 -25.89 4.51 18.37
CA THR B 30 -26.35 5.88 18.62
C THR B 30 -26.35 6.08 20.11
N ALA B 31 -26.83 7.26 20.55
CA ALA B 31 -26.99 7.48 21.98
C ALA B 31 -27.95 6.48 22.61
N MET B 32 -28.86 5.89 21.80
CA MET B 32 -29.78 4.89 22.33
C MET B 32 -29.07 3.58 22.68
N GLY B 33 -28.02 3.23 21.95
CA GLY B 33 -27.36 1.95 22.14
C GLY B 33 -26.82 1.41 20.83
N GLY B 34 -26.47 0.13 20.84
CA GLY B 34 -25.90 -0.48 19.67
C GLY B 34 -26.93 -1.20 18.85
N SER B 35 -26.57 -1.50 17.60
CA SER B 35 -27.46 -2.24 16.73
C SER B 35 -26.63 -2.95 15.66
N THR B 36 -27.22 -3.99 15.10
CA THR B 36 -26.68 -4.65 13.93
C THR B 36 -27.29 -4.04 12.69
N LEU B 37 -26.52 -4.07 11.60
CA LEU B 37 -27.00 -3.62 10.32
C LEU B 37 -26.48 -4.58 9.27
N PHE B 38 -27.18 -4.64 8.15
CA PHE B 38 -26.80 -5.49 7.04
C PHE B 38 -26.56 -4.63 5.81
N VAL B 39 -25.39 -4.80 5.20
CA VAL B 39 -25.11 -4.20 3.91
C VAL B 39 -25.59 -5.17 2.84
N GLU B 40 -26.47 -4.69 1.97
CA GLU B 40 -27.00 -5.47 0.87
C GLU B 40 -26.41 -4.96 -0.44
N THR B 41 -26.05 -5.88 -1.32
CA THR B 41 -25.59 -5.54 -2.67
C THR B 41 -26.27 -6.45 -3.67
N SER B 42 -26.50 -5.91 -4.87
CA SER B 42 -27.20 -6.64 -5.90
C SER B 42 -26.75 -6.12 -7.25
N LEU B 43 -26.76 -7.00 -8.25
CA LEU B 43 -26.72 -6.56 -9.62
C LEU B 43 -27.98 -5.76 -9.91
N ARG B 44 -27.84 -4.66 -10.65
CA ARG B 44 -29.02 -3.97 -11.17
C ARG B 44 -29.11 -3.99 -12.69
N ARG B 45 -28.13 -4.53 -13.40
CA ARG B 45 -28.21 -4.82 -14.83
C ARG B 45 -27.55 -6.16 -15.09
N PRO B 46 -28.03 -6.91 -16.10
CA PRO B 46 -27.36 -8.18 -16.43
C PRO B 46 -25.92 -7.92 -16.87
N GLN B 47 -25.07 -8.90 -16.61
CA GLN B 47 -23.72 -8.88 -17.19
C GLN B 47 -23.80 -9.22 -18.67
N ASP B 48 -23.16 -8.41 -19.50
CA ASP B 48 -23.17 -8.62 -20.94
C ASP B 48 -21.88 -9.29 -21.41
N ASP B 56 -17.49 -0.36 -18.48
CA ASP B 56 -17.25 0.36 -17.22
C ASP B 56 -18.41 0.22 -16.20
N GLY B 57 -18.17 -0.46 -15.08
CA GLY B 57 -19.20 -0.70 -14.08
C GLY B 57 -19.58 0.56 -13.32
N SER B 58 -20.54 0.41 -12.40
CA SER B 58 -20.96 1.53 -11.56
C SER B 58 -21.55 1.02 -10.26
N LEU B 59 -21.63 1.92 -9.28
CA LEU B 59 -22.19 1.62 -7.96
C LEU B 59 -23.28 2.62 -7.64
N GLU B 60 -24.52 2.13 -7.54
CA GLU B 60 -25.61 2.92 -6.97
C GLU B 60 -25.73 2.60 -5.49
N VAL B 61 -26.02 3.62 -4.68
CA VAL B 61 -26.01 3.51 -3.22
C VAL B 61 -27.28 4.14 -2.64
N THR B 62 -27.94 3.44 -1.73
CA THR B 62 -29.10 3.95 -1.01
C THR B 62 -29.03 3.52 0.45
N GLY B 63 -29.90 4.14 1.25
CA GLY B 63 -30.05 3.86 2.69
C GLY B 63 -29.95 5.09 3.57
N GLN B 64 -30.25 6.26 3.05
CA GLN B 64 -30.14 7.54 3.80
C GLN B 64 -28.73 7.71 4.36
N LEU B 65 -27.73 7.46 3.55
CA LEU B 65 -26.35 7.61 4.02
C LEU B 65 -25.96 9.07 3.96
N GLY B 66 -25.29 9.53 5.00
CA GLY B 66 -24.67 10.84 5.00
C GLY B 66 -23.40 10.87 4.16
N GLU B 67 -22.83 12.08 4.06
CA GLU B 67 -21.72 12.34 3.14
C GLU B 67 -20.49 11.50 3.46
N VAL B 68 -20.09 11.45 4.72
CA VAL B 68 -18.92 10.64 5.07
C VAL B 68 -19.15 9.17 4.73
N MET B 69 -20.36 8.67 4.97
CA MET B 69 -20.67 7.30 4.65
C MET B 69 -20.67 7.04 3.15
N LYS B 70 -21.21 7.98 2.40
CA LYS B 70 -21.19 7.86 0.94
C LYS B 70 -19.75 7.80 0.43
N GLU B 71 -18.88 8.65 0.96
CA GLU B 71 -17.47 8.57 0.60
C GLU B 71 -16.87 7.24 1.03
N SER B 72 -17.23 6.77 2.23
CA SER B 72 -16.84 5.44 2.68
C SER B 72 -17.11 4.39 1.62
N ALA B 73 -18.28 4.47 0.98
CA ALA B 73 -18.63 3.51 -0.06
C ALA B 73 -17.77 3.68 -1.31
N ARG B 74 -17.45 4.92 -1.67
CA ARG B 74 -16.58 5.12 -2.83
C ARG B 74 -15.17 4.59 -2.55
N ILE B 75 -14.68 4.81 -1.33
CA ILE B 75 -13.35 4.30 -0.99
C ILE B 75 -13.35 2.78 -1.01
N ALA B 76 -14.37 2.15 -0.40
CA ALA B 76 -14.48 0.69 -0.37
C ALA B 76 -14.62 0.12 -1.77
N TYR B 77 -15.32 0.84 -2.65
CA TYR B 77 -15.54 0.34 -4.01
C TYR B 77 -14.24 0.33 -4.80
N THR B 78 -13.44 1.38 -4.67
CA THR B 78 -12.17 1.39 -5.37
C THR B 78 -11.26 0.32 -4.80
N PHE B 79 -11.22 0.18 -3.47
CA PHE B 79 -10.32 -0.80 -2.89
C PHE B 79 -10.73 -2.21 -3.28
N ALA B 80 -12.03 -2.53 -3.19
CA ALA B 80 -12.48 -3.86 -3.56
C ALA B 80 -12.16 -4.16 -5.02
N ARG B 81 -12.24 -3.15 -5.89
CA ARG B 81 -11.82 -3.34 -7.27
C ARG B 81 -10.32 -3.65 -7.34
N ALA B 82 -9.50 -2.87 -6.64
CA ALA B 82 -8.06 -3.12 -6.64
C ALA B 82 -7.76 -4.47 -6.00
N PHE B 83 -8.43 -4.80 -4.91
CA PHE B 83 -8.17 -6.08 -4.24
C PHE B 83 -8.44 -7.24 -5.19
N LEU B 84 -9.52 -7.15 -5.97
CA LEU B 84 -9.82 -8.18 -6.95
C LEU B 84 -8.90 -8.09 -8.16
N MET B 85 -8.44 -6.89 -8.53
CA MET B 85 -7.49 -6.72 -9.62
C MET B 85 -6.19 -7.49 -9.37
N GLN B 86 -5.84 -7.72 -8.10
CA GLN B 86 -4.56 -8.32 -7.74
C GLN B 86 -4.67 -9.73 -7.15
N HIS B 87 -5.82 -10.12 -6.62
CA HIS B 87 -5.96 -11.48 -6.11
CA HIS B 87 -6.05 -11.46 -6.05
C HIS B 87 -6.81 -12.39 -6.98
N ALA B 88 -7.52 -11.85 -7.95
CA ALA B 88 -8.33 -12.64 -8.88
C ALA B 88 -8.45 -11.88 -10.19
N PRO B 89 -7.35 -11.69 -10.91
CA PRO B 89 -7.38 -10.79 -12.09
C PRO B 89 -8.25 -11.30 -13.22
N ALA B 90 -8.60 -12.60 -13.24
CA ALA B 90 -9.55 -13.07 -14.26
C ALA B 90 -10.99 -12.67 -13.94
N ASN B 91 -11.27 -12.14 -12.75
CA ASN B 91 -12.63 -11.83 -12.32
C ASN B 91 -12.88 -10.34 -12.50
N ASP B 92 -13.55 -9.98 -13.58
CA ASP B 92 -13.84 -8.60 -13.89
C ASP B 92 -15.18 -8.13 -13.33
N TYR B 93 -15.80 -8.93 -12.46
CA TYR B 93 -17.17 -8.66 -12.00
C TYR B 93 -17.33 -7.22 -11.51
N LEU B 94 -16.40 -6.75 -10.66
CA LEU B 94 -16.57 -5.41 -10.09
C LEU B 94 -16.21 -4.31 -11.08
N VAL B 95 -15.30 -4.56 -12.01
CA VAL B 95 -14.91 -3.49 -12.93
C VAL B 95 -15.98 -3.27 -14.00
N THR B 96 -16.76 -4.30 -14.36
CA THR B 96 -17.76 -4.18 -15.41
C THR B 96 -19.22 -4.12 -14.93
N SER B 97 -19.54 -4.66 -13.75
CA SER B 97 -20.95 -4.81 -13.39
C SER B 97 -21.53 -3.51 -12.85
N HIS B 98 -22.83 -3.34 -13.05
CA HIS B 98 -23.58 -2.24 -12.45
C HIS B 98 -24.28 -2.78 -11.21
N ILE B 99 -23.93 -2.21 -10.07
CA ILE B 99 -24.27 -2.79 -8.78
C ILE B 99 -25.07 -1.76 -7.99
N HIS B 100 -26.01 -2.25 -7.18
CA HIS B 100 -26.73 -1.44 -6.20
C HIS B 100 -26.27 -1.88 -4.82
N LEU B 101 -25.97 -0.92 -3.95
CA LEU B 101 -25.66 -1.20 -2.55
C LEU B 101 -26.66 -0.44 -1.68
N HIS B 102 -27.22 -1.13 -0.68
CA HIS B 102 -28.27 -0.60 0.18
C HIS B 102 -28.01 -0.98 1.63
N VAL B 103 -28.38 -0.08 2.53
CA VAL B 103 -28.31 -0.35 3.97
C VAL B 103 -29.68 -0.09 4.58
N PRO B 104 -30.51 -1.13 4.79
CA PRO B 104 -31.81 -0.99 5.46
C PRO B 104 -31.56 -0.66 6.94
N GLU B 105 -32.54 -0.09 7.66
CA GLU B 105 -33.86 0.25 7.13
C GLU B 105 -33.76 1.49 6.26
N GLY B 106 -34.73 1.62 5.34
CA GLY B 106 -34.65 2.68 4.35
C GLY B 106 -34.69 4.08 4.93
N ALA B 107 -35.49 4.29 5.99
CA ALA B 107 -35.72 5.64 6.47
C ALA B 107 -34.70 6.10 7.51
N THR B 108 -33.95 5.19 8.11
CA THR B 108 -33.02 5.55 9.17
C THR B 108 -31.79 6.29 8.64
N PRO B 109 -31.52 7.52 9.07
CA PRO B 109 -30.28 8.20 8.65
C PRO B 109 -29.05 7.49 9.21
N LYS B 110 -28.01 7.39 8.40
CA LYS B 110 -26.82 6.66 8.83
C LYS B 110 -25.60 7.40 8.31
N ASP B 111 -24.53 7.43 9.11
CA ASP B 111 -23.36 8.20 8.70
C ASP B 111 -22.11 7.65 9.39
N GLY B 112 -20.96 8.19 8.99
CA GLY B 112 -19.69 7.77 9.54
C GLY B 112 -18.96 6.81 8.63
N PRO B 113 -17.68 6.59 8.91
CA PRO B 113 -16.84 5.74 8.05
C PRO B 113 -16.72 4.29 8.49
N SER B 114 -17.39 3.90 9.57
CA SER B 114 -17.07 2.64 10.25
C SER B 114 -17.63 1.40 9.54
N ALA B 115 -18.38 1.56 8.45
CA ALA B 115 -18.86 0.41 7.69
C ALA B 115 -18.02 0.14 6.43
N GLY B 116 -16.87 0.81 6.30
CA GLY B 116 -16.04 0.63 5.12
C GLY B 116 -15.62 -0.81 4.87
N CYS B 117 -15.11 -1.50 5.91
CA CYS B 117 -14.69 -2.89 5.69
C CYS B 117 -15.90 -3.75 5.38
N THR B 118 -17.03 -3.46 6.04
CA THR B 118 -18.29 -4.16 5.77
C THR B 118 -18.67 -4.03 4.31
N ILE B 119 -18.49 -2.83 3.75
CA ILE B 119 -18.86 -2.60 2.35
C ILE B 119 -17.91 -3.32 1.40
N VAL B 120 -16.58 -3.22 1.63
CA VAL B 120 -15.63 -4.03 0.84
C VAL B 120 -16.05 -5.49 0.83
N THR B 121 -16.26 -6.06 2.03
CA THR B 121 -16.65 -7.47 2.14
C THR B 121 -17.92 -7.76 1.34
N ALA B 122 -18.90 -6.85 1.36
CA ALA B 122 -20.14 -7.09 0.62
C ALA B 122 -19.87 -7.17 -0.86
N LEU B 123 -19.10 -6.20 -1.39
CA LEU B 123 -18.80 -6.18 -2.81
C LEU B 123 -18.02 -7.43 -3.23
N LEU B 124 -17.05 -7.85 -2.42
CA LEU B 124 -16.25 -9.04 -2.77
C LEU B 124 -17.09 -10.30 -2.71
N SER B 125 -17.90 -10.44 -1.65
CA SER B 125 -18.81 -11.58 -1.55
C SER B 125 -19.74 -11.65 -2.76
N LEU B 126 -20.27 -10.51 -3.21
CA LEU B 126 -21.11 -10.52 -4.40
C LEU B 126 -20.32 -10.88 -5.64
N ALA B 127 -19.11 -10.31 -5.80
CA ALA B 127 -18.33 -10.57 -7.01
C ALA B 127 -17.83 -12.00 -7.08
N MET B 128 -17.61 -12.65 -5.94
CA MET B 128 -17.15 -14.04 -5.89
C MET B 128 -18.29 -15.04 -5.84
N GLY B 129 -19.54 -14.58 -5.74
CA GLY B 129 -20.63 -15.49 -5.54
C GLY B 129 -20.51 -16.35 -4.30
N ARG B 130 -19.74 -15.91 -3.30
CA ARG B 130 -19.53 -16.71 -2.10
C ARG B 130 -20.06 -15.98 -0.88
N PRO B 131 -20.87 -16.61 -0.04
CA PRO B 131 -21.32 -15.95 1.17
C PRO B 131 -20.21 -15.83 2.20
N VAL B 132 -20.36 -14.83 3.05
CA VAL B 132 -19.47 -14.61 4.18
C VAL B 132 -19.76 -15.65 5.26
N ARG B 133 -18.75 -15.94 6.07
CA ARG B 133 -18.91 -16.79 7.24
C ARG B 133 -20.14 -16.34 8.06
N GLN B 134 -20.89 -17.32 8.54
CA GLN B 134 -22.13 -17.00 9.24
C GLN B 134 -21.86 -16.57 10.67
N ASN B 135 -22.79 -15.81 11.24
CA ASN B 135 -22.69 -15.28 12.60
C ASN B 135 -21.40 -14.48 12.80
N LEU B 136 -20.97 -13.81 11.73
CA LEU B 136 -19.84 -12.91 11.72
C LEU B 136 -20.34 -11.48 11.57
N ALA B 137 -19.75 -10.56 12.34
CA ALA B 137 -20.02 -9.15 12.16
C ALA B 137 -18.70 -8.40 12.27
N MET B 138 -18.64 -7.23 11.65
CA MET B 138 -17.40 -6.47 11.60
C MET B 138 -17.72 -4.99 11.64
N THR B 139 -16.73 -4.22 12.09
CA THR B 139 -16.79 -2.77 12.05
C THR B 139 -15.36 -2.25 11.88
N GLY B 140 -15.20 -1.18 11.12
CA GLY B 140 -13.87 -0.65 10.86
C GLY B 140 -13.84 0.26 9.64
N GLU B 141 -13.12 1.39 9.76
CA GLU B 141 -12.90 2.28 8.62
C GLU B 141 -11.81 1.70 7.73
N VAL B 142 -11.99 1.85 6.43
CA VAL B 142 -11.00 1.37 5.47
C VAL B 142 -10.39 2.59 4.78
N SER B 143 -9.07 2.60 4.65
CA SER B 143 -8.42 3.61 3.85
C SER B 143 -8.39 3.14 2.40
N LEU B 144 -7.88 4.00 1.51
CA LEU B 144 -7.90 3.68 0.09
C LEU B 144 -7.02 2.49 -0.25
N THR B 145 -5.91 2.29 0.47
CA THR B 145 -5.02 1.15 0.25
C THR B 145 -5.39 -0.06 1.09
N GLY B 146 -6.46 0.02 1.88
CA GLY B 146 -6.96 -1.13 2.60
C GLY B 146 -6.63 -1.15 4.08
N LYS B 147 -6.01 -0.10 4.61
CA LYS B 147 -5.75 -0.06 6.04
C LYS B 147 -7.07 -0.02 6.79
N ILE B 148 -7.08 -0.61 7.99
CA ILE B 148 -8.25 -0.60 8.85
C ILE B 148 -8.00 0.38 9.98
N LEU B 149 -8.84 1.42 10.07
CA LEU B 149 -8.67 2.53 11.01
C LEU B 149 -9.71 2.44 12.13
N PRO B 150 -9.39 2.96 13.31
CA PRO B 150 -10.27 2.79 14.48
C PRO B 150 -11.58 3.55 14.36
N VAL B 151 -12.60 3.06 15.10
CA VAL B 151 -13.97 3.57 15.05
C VAL B 151 -14.51 3.74 16.48
N GLY B 152 -15.72 4.33 16.56
CA GLY B 152 -16.36 4.55 17.84
C GLY B 152 -17.32 3.43 18.22
N GLY B 153 -17.84 3.51 19.44
CA GLY B 153 -18.95 2.68 19.87
C GLY B 153 -18.62 1.21 20.09
N ILE B 154 -17.37 0.89 20.38
CA ILE B 154 -16.96 -0.50 20.54
C ILE B 154 -17.86 -1.24 21.53
N LYS B 155 -18.14 -0.63 22.69
CA LYS B 155 -18.99 -1.31 23.68
C LYS B 155 -20.39 -1.59 23.12
N GLU B 156 -21.02 -0.57 22.54
CA GLU B 156 -22.39 -0.72 22.05
C GLU B 156 -22.44 -1.74 20.92
N LYS B 157 -21.52 -1.63 19.96
CA LYS B 157 -21.45 -2.58 18.84
C LYS B 157 -21.23 -4.01 19.34
N THR B 158 -20.34 -4.19 20.31
CA THR B 158 -20.07 -5.53 20.81
C THR B 158 -21.28 -6.12 21.51
N ILE B 159 -21.92 -5.34 22.39
CA ILE B 159 -23.10 -5.85 23.08
C ILE B 159 -24.18 -6.23 22.06
N ALA B 160 -24.37 -5.38 21.04
CA ALA B 160 -25.40 -5.62 20.04
C ALA B 160 -25.11 -6.89 19.24
N ALA B 161 -23.84 -7.07 18.88
CA ALA B 161 -23.43 -8.30 18.21
C ALA B 161 -23.82 -9.53 19.04
N LYS B 162 -23.46 -9.55 20.32
CA LYS B 162 -23.76 -10.71 21.15
C LYS B 162 -25.26 -11.01 21.19
N ARG B 163 -26.09 -9.96 21.33
CA ARG B 163 -27.53 -10.16 21.40
C ARG B 163 -28.10 -10.65 20.09
N ALA B 164 -27.52 -10.24 18.98
CA ALA B 164 -27.96 -10.75 17.68
C ALA B 164 -27.43 -12.14 17.39
N GLY B 165 -26.74 -12.77 18.34
CA GLY B 165 -26.21 -14.10 18.12
C GLY B 165 -24.90 -14.16 17.36
N VAL B 166 -24.17 -13.03 17.26
CA VAL B 166 -22.85 -13.06 16.63
C VAL B 166 -21.89 -13.83 17.53
N THR B 167 -21.12 -14.75 16.93
CA THR B 167 -20.07 -15.44 17.65
C THR B 167 -18.66 -15.00 17.26
N CYS B 168 -18.52 -14.27 16.17
CA CYS B 168 -17.21 -13.89 15.64
C CYS B 168 -17.26 -12.44 15.23
N ILE B 169 -16.38 -11.62 15.80
CA ILE B 169 -16.41 -10.18 15.59
C ILE B 169 -15.04 -9.71 15.16
N VAL B 170 -15.03 -8.80 14.17
CA VAL B 170 -13.81 -8.21 13.60
C VAL B 170 -13.79 -6.72 13.98
N LEU B 171 -12.70 -6.29 14.60
CA LEU B 171 -12.49 -4.97 15.15
C LEU B 171 -11.16 -4.43 14.66
N PRO B 172 -11.01 -3.10 14.59
CA PRO B 172 -9.70 -2.53 14.28
C PRO B 172 -8.74 -2.74 15.43
N ALA B 173 -7.48 -3.04 15.07
CA ALA B 173 -6.44 -3.24 16.09
C ALA B 173 -6.28 -2.00 16.94
N GLU B 174 -6.50 -0.81 16.38
CA GLU B 174 -6.38 0.37 17.23
C GLU B 174 -7.55 0.53 18.21
N ASN B 175 -8.57 -0.32 18.18
CA ASN B 175 -9.62 -0.30 19.20
C ASN B 175 -9.39 -1.33 20.30
N LYS B 176 -8.19 -1.93 20.37
CA LYS B 176 -7.89 -2.88 21.45
C LYS B 176 -8.11 -2.25 22.81
N LYS B 177 -7.58 -1.05 23.03
CA LYS B 177 -7.77 -0.37 24.31
C LYS B 177 -9.26 -0.28 24.67
N ASP B 178 -10.10 0.02 23.67
CA ASP B 178 -11.55 0.15 23.93
C ASP B 178 -12.15 -1.19 24.29
N PHE B 179 -11.74 -2.25 23.60
CA PHE B 179 -12.23 -3.58 23.90
C PHE B 179 -11.85 -4.00 25.31
N TYR B 180 -10.60 -3.77 25.70
CA TYR B 180 -10.12 -4.18 27.02
C TYR B 180 -10.55 -3.22 28.13
N ASP B 181 -11.19 -2.10 27.82
CA ASP B 181 -11.81 -1.29 28.87
C ASP B 181 -13.12 -1.88 29.37
N LEU B 182 -13.61 -2.94 28.74
CA LEU B 182 -14.91 -3.53 29.07
C LEU B 182 -14.73 -4.66 30.07
N ALA B 183 -15.71 -4.77 30.98
CA ALA B 183 -15.75 -5.91 31.88
C ALA B 183 -15.77 -7.22 31.09
N ALA B 184 -15.16 -8.25 31.69
CA ALA B 184 -15.00 -9.54 31.01
C ALA B 184 -16.34 -10.17 30.64
N PHE B 185 -17.36 -10.02 31.48
CA PHE B 185 -18.66 -10.62 31.17
C PHE B 185 -19.28 -10.03 29.90
N ILE B 186 -18.88 -8.83 29.49
CA ILE B 186 -19.39 -8.26 28.24
C ILE B 186 -18.75 -8.95 27.04
N THR B 187 -17.43 -9.14 27.09
CA THR B 187 -16.67 -9.62 25.95
C THR B 187 -16.49 -11.14 25.96
N GLU B 188 -17.03 -11.81 26.97
CA GLU B 188 -16.99 -13.25 27.11
C GLU B 188 -17.76 -13.94 25.98
N GLY B 189 -17.26 -15.10 25.57
CA GLY B 189 -17.97 -15.91 24.60
C GLY B 189 -17.94 -15.38 23.18
N LEU B 190 -16.88 -14.66 22.81
CA LEU B 190 -16.75 -14.09 21.48
C LEU B 190 -15.38 -14.41 20.93
N GLU B 191 -15.33 -14.91 19.70
CA GLU B 191 -14.09 -14.97 18.94
C GLU B 191 -13.84 -13.57 18.38
N VAL B 192 -12.67 -12.99 18.70
CA VAL B 192 -12.39 -11.59 18.39
C VAL B 192 -11.15 -11.52 17.52
N HIS B 193 -11.27 -10.81 16.40
CA HIS B 193 -10.14 -10.61 15.49
C HIS B 193 -9.83 -9.12 15.42
N PHE B 194 -8.68 -8.72 15.95
CA PHE B 194 -8.19 -7.37 15.77
C PHE B 194 -7.37 -7.33 14.48
N VAL B 195 -7.71 -6.40 13.59
CA VAL B 195 -7.09 -6.36 12.27
C VAL B 195 -6.51 -4.98 12.00
N GLU B 196 -5.42 -4.95 11.23
CA GLU B 196 -4.77 -3.72 10.80
C GLU B 196 -5.04 -3.38 9.34
N HIS B 197 -5.50 -4.34 8.55
CA HIS B 197 -5.57 -4.19 7.11
C HIS B 197 -6.67 -5.12 6.60
N TYR B 198 -7.25 -4.77 5.44
CA TYR B 198 -8.35 -5.59 4.94
C TYR B 198 -7.86 -6.97 4.52
N ARG B 199 -6.61 -7.10 4.07
CA ARG B 199 -6.09 -8.41 3.65
C ARG B 199 -6.42 -9.49 4.65
N GLU B 200 -6.22 -9.20 5.92
CA GLU B 200 -6.51 -10.13 6.99
C GLU B 200 -8.01 -10.34 7.21
N ILE B 201 -8.82 -9.34 6.96
CA ILE B 201 -10.26 -9.53 7.04
C ILE B 201 -10.72 -10.58 6.03
N PHE B 202 -10.14 -10.58 4.84
CA PHE B 202 -10.59 -11.50 3.78
C PHE B 202 -10.53 -12.95 4.27
N ASP B 203 -9.39 -13.37 4.83
CA ASP B 203 -9.27 -14.76 5.28
C ASP B 203 -10.26 -15.08 6.38
N ILE B 204 -10.65 -14.08 7.18
CA ILE B 204 -11.64 -14.33 8.22
C ILE B 204 -13.04 -14.45 7.64
N ALA B 205 -13.40 -13.57 6.72
CA ALA B 205 -14.77 -13.59 6.21
C ALA B 205 -15.00 -14.74 5.24
N PHE B 206 -13.96 -15.12 4.49
CA PHE B 206 -14.07 -16.17 3.47
C PHE B 206 -13.00 -17.23 3.71
N PRO B 207 -13.19 -18.12 4.69
CA PRO B 207 -12.17 -19.14 4.96
C PRO B 207 -12.08 -20.20 3.87
N ASP B 208 -10.86 -20.67 3.63
CA ASP B 208 -10.61 -21.70 2.61
C ASP B 208 -10.79 -23.11 3.19
N LYS C 5 -9.19 -17.05 22.72
CA LYS C 5 -10.03 -16.87 21.54
C LYS C 5 -9.99 -15.44 21.00
N ILE C 6 -8.91 -14.73 21.32
CA ILE C 6 -8.66 -13.37 20.86
C ILE C 6 -7.42 -13.40 19.96
N HIS C 7 -7.55 -12.87 18.75
CA HIS C 7 -6.51 -12.96 17.72
C HIS C 7 -6.10 -11.57 17.25
N HIS C 8 -4.80 -11.31 17.20
CA HIS C 8 -4.27 -10.07 16.64
CA HIS C 8 -4.25 -10.07 16.66
C HIS C 8 -3.58 -10.40 15.32
N HIS C 9 -4.12 -9.88 14.23
CA HIS C 9 -3.55 -10.08 12.91
C HIS C 9 -2.70 -8.88 12.55
N HIS C 10 -1.38 -9.07 12.48
CA HIS C 10 -0.47 -8.01 12.09
C HIS C 10 -0.36 -7.96 10.57
N HIS C 11 -0.09 -6.76 10.05
CA HIS C 11 0.08 -6.54 8.62
C HIS C 11 1.37 -5.75 8.40
N HIS C 12 2.26 -6.32 7.60
CA HIS C 12 3.61 -5.76 7.41
C HIS C 12 3.59 -4.73 6.28
N GLU C 13 4.14 -3.55 6.56
CA GLU C 13 4.23 -2.49 5.56
C GLU C 13 5.58 -2.56 4.86
N ARG C 14 5.57 -2.50 3.53
CA ARG C 14 6.77 -2.47 2.72
C ARG C 14 6.72 -1.28 1.76
N MET C 15 7.88 -0.97 1.20
CA MET C 15 7.99 0.03 0.13
C MET C 15 7.13 -0.32 -1.07
N TYR C 16 6.85 -1.61 -1.29
CA TYR C 16 5.96 -2.07 -2.34
C TYR C 16 4.95 -3.00 -1.71
N ASP C 17 3.67 -2.87 -2.09
CA ASP C 17 2.76 -3.98 -1.82
C ASP C 17 2.76 -4.92 -3.01
N VAL C 18 2.25 -4.50 -4.17
CA VAL C 18 2.39 -5.25 -5.41
C VAL C 18 3.60 -4.72 -6.16
N THR C 19 4.57 -5.59 -6.44
CA THR C 19 5.74 -5.14 -7.17
C THR C 19 5.41 -5.00 -8.65
N PRO C 20 5.74 -3.87 -9.28
CA PRO C 20 5.53 -3.72 -10.73
C PRO C 20 6.55 -4.49 -11.51
N PRO C 21 6.42 -4.59 -12.83
CA PRO C 21 7.50 -5.18 -13.64
C PRO C 21 8.82 -4.47 -13.38
N GLY C 22 9.90 -5.26 -13.35
CA GLY C 22 11.24 -4.74 -13.15
C GLY C 22 11.66 -4.52 -11.71
N VAL C 23 10.84 -4.90 -10.74
CA VAL C 23 11.10 -4.66 -9.32
C VAL C 23 11.03 -6.00 -8.60
N VAL C 24 12.09 -6.34 -7.84
CA VAL C 24 12.21 -7.66 -7.21
C VAL C 24 12.71 -7.48 -5.79
N MET C 25 12.17 -8.27 -4.86
CA MET C 25 12.58 -8.18 -3.46
C MET C 25 13.78 -9.11 -3.22
N GLY C 26 14.90 -8.54 -2.80
CA GLY C 26 16.07 -9.29 -2.41
C GLY C 26 16.28 -9.24 -0.90
N LEU C 27 17.13 -10.13 -0.42
CA LEU C 27 17.45 -10.16 1.01
C LEU C 27 18.91 -9.79 1.19
N ALA C 28 19.14 -8.77 2.01
CA ALA C 28 20.45 -8.19 2.22
C ALA C 28 20.95 -8.51 3.62
N TRP C 29 22.20 -8.95 3.70
CA TRP C 29 22.92 -8.98 4.97
C TRP C 29 23.49 -7.60 5.22
N THR C 30 23.02 -6.93 6.27
CA THR C 30 23.50 -5.60 6.59
C THR C 30 24.46 -5.65 7.78
N ALA C 31 24.88 -4.48 8.24
CA ALA C 31 25.74 -4.42 9.41
C ALA C 31 24.94 -4.53 10.71
N MET C 32 23.71 -4.02 10.71
CA MET C 32 22.84 -4.09 11.86
C MET C 32 22.01 -5.38 11.90
N GLY C 33 22.20 -6.28 10.93
CA GLY C 33 21.37 -7.46 10.83
C GLY C 33 20.99 -7.80 9.39
N GLY C 34 19.70 -7.78 9.09
CA GLY C 34 19.24 -8.10 7.75
C GLY C 34 18.09 -7.21 7.35
N SER C 35 17.89 -7.10 6.04
CA SER C 35 16.77 -6.31 5.54
C SER C 35 16.32 -6.81 4.18
N THR C 36 15.17 -6.32 3.73
CA THR C 36 14.60 -6.63 2.43
C THR C 36 14.77 -5.40 1.56
N LEU C 37 15.55 -5.52 0.49
CA LEU C 37 15.83 -4.43 -0.44
C LEU C 37 15.28 -4.77 -1.81
N PHE C 38 14.51 -3.85 -2.39
CA PHE C 38 13.92 -4.05 -3.70
C PHE C 38 14.87 -3.54 -4.78
N VAL C 39 15.26 -4.43 -5.68
CA VAL C 39 16.02 -4.07 -6.86
C VAL C 39 15.04 -3.56 -7.91
N GLU C 40 15.40 -2.46 -8.57
CA GLU C 40 14.48 -1.74 -9.44
C GLU C 40 15.13 -1.53 -10.80
N THR C 41 14.36 -1.78 -11.86
CA THR C 41 14.83 -1.54 -13.22
C THR C 41 13.79 -0.75 -13.99
N SER C 42 14.25 0.14 -14.84
CA SER C 42 13.36 1.04 -15.55
C SER C 42 14.05 1.47 -16.84
N LEU C 43 13.22 1.85 -17.81
CA LEU C 43 13.71 2.30 -19.10
C LEU C 43 14.15 3.75 -19.02
N ARG C 44 15.27 4.07 -19.66
CA ARG C 44 15.76 5.44 -19.70
C ARG C 44 15.31 6.21 -20.92
N ARG C 45 14.90 5.51 -21.99
CA ARG C 45 14.49 6.16 -23.24
C ARG C 45 13.01 6.54 -23.21
N SER C 58 22.20 -0.99 -23.79
CA SER C 58 23.08 -0.49 -22.74
C SER C 58 22.44 -0.57 -21.36
N LEU C 59 23.28 -0.52 -20.32
CA LEU C 59 22.84 -0.64 -18.92
C LEU C 59 23.53 0.42 -18.07
N GLU C 60 22.75 1.05 -17.20
CA GLU C 60 23.20 2.07 -16.27
C GLU C 60 22.81 1.65 -14.86
N VAL C 61 23.71 1.82 -13.89
CA VAL C 61 23.56 1.23 -12.57
C VAL C 61 23.77 2.31 -11.50
N THR C 62 22.87 2.32 -10.51
CA THR C 62 22.98 3.23 -9.38
C THR C 62 22.72 2.47 -8.08
N GLY C 63 23.15 3.08 -6.98
CA GLY C 63 23.00 2.49 -5.66
C GLY C 63 23.93 3.07 -4.62
N LEU C 65 28.83 2.57 -5.99
CA LEU C 65 28.28 1.37 -5.38
C LEU C 65 29.35 0.27 -5.22
N GLY C 66 30.28 0.20 -6.15
CA GLY C 66 31.42 -0.70 -6.04
C GLY C 66 31.82 -1.41 -7.33
N GLU C 67 33.11 -1.72 -7.45
CA GLU C 67 33.58 -2.43 -8.63
C GLU C 67 33.06 -3.87 -8.66
N VAL C 68 33.08 -4.56 -7.51
CA VAL C 68 32.53 -5.91 -7.45
C VAL C 68 31.02 -5.88 -7.69
N MET C 69 30.34 -4.85 -7.19
CA MET C 69 28.91 -4.72 -7.42
C MET C 69 28.61 -4.27 -8.85
N LYS C 70 29.33 -3.27 -9.35
CA LYS C 70 29.13 -2.82 -10.73
C LYS C 70 29.24 -3.98 -11.71
N GLU C 71 30.04 -5.00 -11.32
CA GLU C 71 30.46 -6.13 -12.14
C GLU C 71 29.53 -7.33 -11.94
N SER C 72 29.07 -7.55 -10.67
CA SER C 72 27.87 -8.32 -10.38
C SER C 72 26.74 -7.95 -11.34
N ALA C 73 26.53 -6.66 -11.52
CA ALA C 73 25.46 -6.24 -12.44
C ALA C 73 25.76 -6.68 -13.85
N ARG C 74 27.01 -6.49 -14.28
CA ARG C 74 27.43 -6.84 -15.67
C ARG C 74 27.22 -8.33 -15.87
N ILE C 75 27.62 -9.13 -14.90
CA ILE C 75 27.40 -10.59 -15.02
C ILE C 75 25.92 -10.83 -15.17
N ALA C 76 25.12 -10.24 -14.27
CA ALA C 76 23.67 -10.41 -14.34
C ALA C 76 23.11 -9.91 -15.66
N TYR C 77 23.56 -8.74 -16.12
CA TYR C 77 23.17 -8.26 -17.44
C TYR C 77 23.52 -9.30 -18.49
N THR C 78 24.80 -9.67 -18.57
CA THR C 78 25.24 -10.61 -19.59
C THR C 78 24.41 -11.89 -19.57
N PHE C 79 24.11 -12.42 -18.37
CA PHE C 79 23.37 -13.67 -18.34
C PHE C 79 21.91 -13.46 -18.73
N ALA C 80 21.37 -12.32 -18.35
CA ALA C 80 19.95 -12.05 -18.66
C ALA C 80 19.76 -12.09 -20.16
N ARG C 81 20.58 -11.35 -20.90
CA ARG C 81 20.39 -11.34 -22.38
C ARG C 81 20.56 -12.74 -22.93
N ALA C 82 21.57 -13.44 -22.47
CA ALA C 82 21.80 -14.81 -22.95
C ALA C 82 20.57 -15.66 -22.65
N PHE C 83 20.00 -15.47 -21.47
CA PHE C 83 18.87 -16.29 -21.04
C PHE C 83 17.62 -15.98 -21.87
N LEU C 84 17.26 -14.70 -21.97
CA LEU C 84 16.07 -14.34 -22.73
C LEU C 84 16.24 -14.61 -24.23
N MET C 85 17.49 -14.72 -24.69
CA MET C 85 17.73 -15.17 -26.05
C MET C 85 17.30 -16.62 -26.24
N GLN C 86 17.54 -17.47 -25.25
CA GLN C 86 17.20 -18.89 -25.34
C GLN C 86 15.74 -19.19 -25.06
N HIS C 87 15.03 -18.32 -24.33
CA HIS C 87 13.65 -18.63 -23.95
C HIS C 87 12.64 -18.00 -24.92
N ALA C 88 12.76 -16.71 -25.17
CA ALA C 88 11.95 -16.01 -26.17
C ALA C 88 12.89 -15.24 -27.09
N PRO C 89 13.28 -15.85 -28.22
CA PRO C 89 14.25 -15.18 -29.11
C PRO C 89 13.67 -13.98 -29.86
N ALA C 90 12.35 -13.84 -29.92
CA ALA C 90 11.75 -12.70 -30.62
C ALA C 90 11.81 -11.40 -29.82
N ASN C 91 12.02 -11.48 -28.50
CA ASN C 91 12.02 -10.29 -27.65
C ASN C 91 13.42 -9.68 -27.66
N ASP C 92 13.56 -8.53 -28.33
CA ASP C 92 14.82 -7.82 -28.45
C ASP C 92 15.05 -6.81 -27.33
N TYR C 93 14.18 -6.80 -26.30
CA TYR C 93 14.15 -5.71 -25.34
C TYR C 93 15.53 -5.46 -24.72
N LEU C 94 16.25 -6.52 -24.35
CA LEU C 94 17.47 -6.35 -23.59
C LEU C 94 18.61 -5.82 -24.45
N VAL C 95 18.73 -6.27 -25.70
CA VAL C 95 19.82 -5.77 -26.54
C VAL C 95 19.54 -4.36 -27.04
N THR C 96 18.28 -3.97 -27.18
CA THR C 96 17.91 -2.71 -27.82
C THR C 96 17.50 -1.61 -26.85
N SER C 97 17.29 -1.93 -25.57
CA SER C 97 16.86 -0.93 -24.62
C SER C 97 18.04 -0.35 -23.85
N HIS C 98 17.87 0.88 -23.40
CA HIS C 98 18.81 1.51 -22.47
C HIS C 98 18.14 1.45 -21.09
N ILE C 99 18.57 0.49 -20.29
CA ILE C 99 17.92 0.15 -19.03
C ILE C 99 18.69 0.80 -17.89
N HIS C 100 17.94 1.31 -16.91
CA HIS C 100 18.53 1.82 -15.68
C HIS C 100 18.22 0.87 -14.54
N LEU C 101 19.26 0.51 -13.78
CA LEU C 101 19.16 -0.47 -12.71
C LEU C 101 19.50 0.19 -11.38
N HIS C 102 18.61 0.04 -10.40
CA HIS C 102 18.84 0.57 -9.06
C HIS C 102 18.97 -0.58 -8.07
N VAL C 103 20.12 -0.62 -7.39
CA VAL C 103 20.38 -1.57 -6.30
C VAL C 103 20.52 -0.74 -5.02
N PRO C 104 19.52 -0.72 -4.14
CA PRO C 104 19.60 0.18 -2.98
C PRO C 104 20.76 -0.20 -2.07
N GLU C 105 21.25 0.79 -1.32
CA GLU C 105 22.36 0.54 -0.42
C GLU C 105 21.89 -0.24 0.81
N GLY C 106 22.85 -0.74 1.56
CA GLY C 106 22.54 -1.48 2.77
C GLY C 106 23.34 -2.75 2.95
N ALA C 107 23.44 -3.55 1.90
CA ALA C 107 24.22 -4.78 2.00
C ALA C 107 25.67 -4.44 2.30
N THR C 108 26.27 -5.18 3.24
CA THR C 108 27.70 -5.06 3.44
C THR C 108 28.40 -5.33 2.11
N PRO C 109 29.54 -4.68 1.86
CA PRO C 109 30.24 -4.92 0.58
C PRO C 109 30.53 -6.37 0.34
N LYS C 110 30.72 -7.16 1.40
CA LYS C 110 30.90 -8.60 1.25
C LYS C 110 29.64 -9.28 0.71
N ASP C 111 28.48 -8.82 1.15
CA ASP C 111 27.21 -9.44 0.74
C ASP C 111 26.78 -8.95 -0.64
N GLY C 112 27.52 -8.01 -1.22
CA GLY C 112 27.07 -7.37 -2.47
C GLY C 112 26.79 -8.32 -3.60
N PRO C 113 27.62 -9.33 -3.91
CA PRO C 113 27.33 -10.19 -5.03
C PRO C 113 26.12 -11.12 -4.83
N SER C 114 25.58 -11.18 -3.62
CA SER C 114 24.44 -12.05 -3.35
C SER C 114 23.15 -11.54 -3.99
N ALA C 115 23.14 -10.30 -4.50
CA ALA C 115 22.00 -9.75 -5.22
C ALA C 115 21.97 -10.14 -6.71
N GLY C 116 22.92 -10.95 -7.16
CA GLY C 116 23.00 -11.36 -8.54
C GLY C 116 21.70 -11.86 -9.13
N CYS C 117 21.13 -12.91 -8.53
CA CYS C 117 19.93 -13.50 -9.11
C CYS C 117 18.74 -12.55 -9.03
N THR C 118 18.71 -11.66 -8.03
CA THR C 118 17.68 -10.62 -7.96
C THR C 118 17.75 -9.70 -9.18
N ILE C 119 18.97 -9.29 -9.57
CA ILE C 119 19.14 -8.40 -10.72
C ILE C 119 18.69 -9.10 -11.99
N VAL C 120 19.15 -10.34 -12.19
CA VAL C 120 18.72 -11.12 -13.35
C VAL C 120 17.20 -11.14 -13.44
N THR C 121 16.54 -11.33 -12.28
CA THR C 121 15.10 -11.44 -12.27
C THR C 121 14.45 -10.09 -12.58
N ALA C 122 15.04 -9.00 -12.07
CA ALA C 122 14.51 -7.68 -12.35
C ALA C 122 14.58 -7.36 -13.86
N LEU C 123 15.74 -7.59 -14.47
CA LEU C 123 15.89 -7.30 -15.89
C LEU C 123 14.97 -8.16 -16.74
N LEU C 124 14.88 -9.46 -16.42
CA LEU C 124 13.97 -10.34 -17.14
C LEU C 124 12.53 -9.94 -16.93
N SER C 125 12.17 -9.54 -15.71
CA SER C 125 10.81 -9.12 -15.43
C SER C 125 10.46 -7.87 -16.24
N LEU C 126 11.38 -6.91 -16.32
CA LEU C 126 11.14 -5.72 -17.11
C LEU C 126 11.09 -6.04 -18.60
N ALA C 127 11.99 -6.91 -19.06
CA ALA C 127 12.08 -7.23 -20.49
C ALA C 127 10.84 -7.96 -20.99
N MET C 128 10.24 -8.80 -20.16
CA MET C 128 9.00 -9.48 -20.51
C MET C 128 7.77 -8.64 -20.16
N GLY C 129 7.95 -7.46 -19.58
CA GLY C 129 6.85 -6.66 -19.09
C GLY C 129 5.97 -7.40 -18.09
N ARG C 130 6.52 -8.48 -17.55
CA ARG C 130 5.73 -9.33 -16.64
C ARG C 130 6.16 -9.08 -15.20
N PRO C 131 5.21 -8.79 -14.30
CA PRO C 131 5.54 -8.57 -12.93
C PRO C 131 6.04 -9.84 -12.26
N VAL C 132 6.92 -9.73 -11.29
CA VAL C 132 7.41 -10.95 -10.58
C VAL C 132 6.27 -11.40 -9.67
N ARG C 133 6.17 -12.68 -9.38
CA ARG C 133 5.13 -13.23 -8.49
C ARG C 133 5.22 -12.57 -7.13
N GLN C 134 4.07 -12.32 -6.50
CA GLN C 134 4.00 -11.67 -5.17
C GLN C 134 4.40 -12.66 -4.09
N ASN C 135 4.76 -12.15 -2.92
CA ASN C 135 5.22 -12.97 -1.80
C ASN C 135 6.40 -13.85 -2.23
N LEU C 136 7.48 -13.19 -2.63
CA LEU C 136 8.70 -13.91 -2.96
C LEU C 136 9.91 -13.04 -2.68
N ALA C 137 10.94 -13.65 -2.10
CA ALA C 137 12.22 -12.98 -1.91
C ALA C 137 13.33 -13.96 -2.24
N MET C 138 14.50 -13.41 -2.60
CA MET C 138 15.58 -14.26 -3.06
C MET C 138 16.93 -13.66 -2.70
N THR C 139 17.95 -14.52 -2.69
CA THR C 139 19.34 -14.11 -2.56
C THR C 139 20.19 -15.21 -3.14
N GLY C 140 21.36 -14.84 -3.64
CA GLY C 140 22.22 -15.79 -4.28
C GLY C 140 23.06 -15.17 -5.37
N GLU C 141 24.35 -15.50 -5.36
CA GLU C 141 25.27 -15.11 -6.41
C GLU C 141 24.97 -15.91 -7.67
N VAL C 142 25.09 -15.25 -8.82
CA VAL C 142 24.91 -15.93 -10.10
C VAL C 142 26.21 -15.88 -10.90
N SER C 143 26.51 -16.97 -11.58
CA SER C 143 27.66 -17.10 -12.46
C SER C 143 27.23 -16.94 -13.92
N LEU C 144 28.22 -16.78 -14.81
CA LEU C 144 27.94 -16.72 -16.23
C LEU C 144 27.22 -17.97 -16.72
N THR C 145 27.60 -19.14 -16.19
CA THR C 145 26.87 -20.37 -16.48
C THR C 145 25.39 -20.25 -16.12
N GLY C 146 25.09 -19.52 -15.04
CA GLY C 146 23.76 -19.49 -14.46
C GLY C 146 23.66 -20.17 -13.12
N LYS C 147 24.73 -20.82 -12.66
CA LYS C 147 24.70 -21.48 -11.37
C LYS C 147 24.49 -20.48 -10.25
N ILE C 148 23.63 -20.84 -9.29
CA ILE C 148 23.36 -20.02 -8.12
C ILE C 148 24.27 -20.51 -7.00
N LEU C 149 25.00 -19.60 -6.38
CA LEU C 149 26.06 -19.98 -5.47
C LEU C 149 25.81 -19.48 -4.05
N PRO C 150 26.35 -20.19 -3.05
CA PRO C 150 26.02 -19.89 -1.65
C PRO C 150 26.44 -18.48 -1.25
N VAL C 151 25.66 -17.89 -0.35
CA VAL C 151 25.91 -16.57 0.19
C VAL C 151 25.90 -16.66 1.73
N GLY C 152 26.23 -15.54 2.37
CA GLY C 152 26.25 -15.47 3.81
C GLY C 152 24.98 -14.85 4.37
N GLY C 153 24.95 -14.70 5.69
CA GLY C 153 23.85 -13.97 6.34
C GLY C 153 22.51 -14.66 6.27
N ILE C 154 22.50 -15.98 6.09
CA ILE C 154 21.25 -16.71 5.90
C ILE C 154 20.28 -16.46 7.06
N LYS C 155 20.79 -16.45 8.29
CA LYS C 155 19.93 -16.21 9.45
C LYS C 155 19.33 -14.81 9.41
N GLU C 156 20.17 -13.79 9.19
CA GLU C 156 19.67 -12.42 9.14
C GLU C 156 18.70 -12.21 7.98
N LYS C 157 19.00 -12.82 6.82
CA LYS C 157 18.15 -12.67 5.65
C LYS C 157 16.80 -13.38 5.84
N THR C 158 16.81 -14.54 6.48
CA THR C 158 15.56 -15.25 6.74
C THR C 158 14.70 -14.51 7.74
N ILE C 159 15.33 -14.00 8.81
CA ILE C 159 14.61 -13.18 9.79
C ILE C 159 14.00 -11.97 9.10
N ALA C 160 14.74 -11.35 8.17
CA ALA C 160 14.23 -10.18 7.48
C ALA C 160 13.05 -10.53 6.60
N ALA C 161 13.13 -11.67 5.89
CA ALA C 161 12.01 -12.12 5.07
C ALA C 161 10.78 -12.38 5.92
N LYS C 162 10.96 -13.14 7.01
CA LYS C 162 9.84 -13.43 7.90
C LYS C 162 9.26 -12.16 8.49
N ARG C 163 10.11 -11.24 8.95
CA ARG C 163 9.64 -9.96 9.49
C ARG C 163 8.84 -9.18 8.47
N ALA C 164 9.13 -9.34 7.18
CA ALA C 164 8.41 -8.60 6.16
C ALA C 164 7.13 -9.30 5.70
N GLY C 165 6.78 -10.44 6.30
CA GLY C 165 5.64 -11.20 5.86
C GLY C 165 5.83 -12.00 4.58
N VAL C 166 7.06 -12.29 4.19
CA VAL C 166 7.31 -13.11 3.01
C VAL C 166 7.27 -14.58 3.45
N THR C 167 6.49 -15.39 2.74
CA THR C 167 6.42 -16.82 3.04
C THR C 167 7.04 -17.68 1.97
N CYS C 168 7.55 -17.10 0.89
CA CYS C 168 8.24 -17.85 -0.15
C CYS C 168 9.60 -17.23 -0.42
N ILE C 169 10.68 -17.95 -0.11
CA ILE C 169 12.04 -17.46 -0.32
C ILE C 169 12.83 -18.43 -1.19
N VAL C 170 13.75 -17.88 -1.98
CA VAL C 170 14.65 -18.66 -2.82
C VAL C 170 16.07 -18.52 -2.25
N LEU C 171 16.73 -19.64 -2.03
CA LEU C 171 18.10 -19.65 -1.54
C LEU C 171 18.98 -20.56 -2.38
N PRO C 172 20.29 -20.31 -2.40
CA PRO C 172 21.20 -21.26 -3.04
C PRO C 172 21.15 -22.62 -2.36
N ALA C 173 21.32 -23.66 -3.17
CA ALA C 173 21.25 -25.03 -2.68
C ALA C 173 22.33 -25.31 -1.63
N GLU C 174 23.53 -24.78 -1.83
CA GLU C 174 24.58 -25.07 -0.86
CA GLU C 174 24.61 -25.03 -0.88
C GLU C 174 24.42 -24.26 0.42
N ASN C 175 23.37 -23.45 0.55
CA ASN C 175 23.02 -22.81 1.81
C ASN C 175 21.97 -23.61 2.58
N LYS C 176 21.62 -24.80 2.09
CA LYS C 176 20.55 -25.58 2.70
C LYS C 176 20.86 -25.89 4.16
N LYS C 177 22.10 -26.28 4.45
CA LYS C 177 22.49 -26.56 5.83
C LYS C 177 22.37 -25.32 6.70
N ASP C 178 22.82 -24.17 6.19
CA ASP C 178 22.71 -22.93 6.97
C ASP C 178 21.26 -22.64 7.34
N PHE C 179 20.34 -22.89 6.40
CA PHE C 179 18.93 -22.61 6.66
C PHE C 179 18.37 -23.50 7.77
N TYR C 180 18.71 -24.79 7.76
CA TYR C 180 18.15 -25.70 8.75
C TYR C 180 18.94 -25.69 10.06
N ASP C 181 20.08 -25.02 10.11
CA ASP C 181 20.72 -24.74 11.39
C ASP C 181 19.98 -23.66 12.17
N LEU C 182 19.09 -22.91 11.54
CA LEU C 182 18.38 -21.87 12.27
C LEU C 182 17.37 -22.48 13.21
N ALA C 183 16.92 -21.65 14.15
CA ALA C 183 15.90 -22.08 15.10
C ALA C 183 14.60 -22.40 14.36
N ALA C 184 13.92 -23.43 14.86
CA ALA C 184 12.66 -23.86 14.27
C ALA C 184 11.68 -22.70 14.11
N PHE C 185 11.55 -21.85 15.13
CA PHE C 185 10.51 -20.81 15.06
C PHE C 185 10.83 -19.76 13.99
N ILE C 186 12.09 -19.68 13.57
CA ILE C 186 12.44 -18.81 12.45
C ILE C 186 11.97 -19.41 11.13
N THR C 187 12.31 -20.67 10.88
CA THR C 187 12.06 -21.30 9.58
C THR C 187 10.63 -21.79 9.43
N GLU C 188 9.94 -22.08 10.54
CA GLU C 188 8.56 -22.52 10.51
C GLU C 188 7.71 -21.61 9.64
N GLY C 189 6.93 -22.21 8.74
CA GLY C 189 6.00 -21.46 7.93
C GLY C 189 6.58 -20.77 6.71
N LEU C 190 7.83 -21.04 6.37
CA LEU C 190 8.43 -20.48 5.17
C LEU C 190 8.49 -21.57 4.10
N GLU C 191 7.89 -21.31 2.96
CA GLU C 191 8.09 -22.14 1.78
C GLU C 191 9.44 -21.75 1.17
N VAL C 192 10.41 -22.64 1.23
CA VAL C 192 11.77 -22.33 0.81
C VAL C 192 12.12 -23.19 -0.40
N HIS C 193 12.66 -22.57 -1.43
CA HIS C 193 13.17 -23.27 -2.61
C HIS C 193 14.68 -23.15 -2.65
N PHE C 194 15.36 -24.30 -2.59
CA PHE C 194 16.79 -24.33 -2.74
C PHE C 194 17.11 -24.64 -4.20
N VAL C 195 17.96 -23.80 -4.80
CA VAL C 195 18.16 -23.81 -6.25
C VAL C 195 19.64 -23.92 -6.56
N GLU C 196 19.94 -24.57 -7.69
CA GLU C 196 21.31 -24.69 -8.17
C GLU C 196 21.58 -23.92 -9.44
N HIS C 197 20.55 -23.63 -10.24
CA HIS C 197 20.67 -22.91 -11.50
C HIS C 197 19.54 -21.90 -11.61
N TYR C 198 19.81 -20.81 -12.35
CA TYR C 198 18.84 -19.71 -12.41
C TYR C 198 17.51 -20.14 -13.01
N ARG C 199 17.53 -21.15 -13.90
CA ARG C 199 16.30 -21.65 -14.52
C ARG C 199 15.24 -22.01 -13.48
N GLU C 200 15.67 -22.57 -12.35
CA GLU C 200 14.73 -22.84 -11.26
C GLU C 200 14.16 -21.57 -10.66
N ILE C 201 14.98 -20.51 -10.54
CA ILE C 201 14.45 -19.25 -10.03
C ILE C 201 13.44 -18.66 -11.01
N PHE C 202 13.73 -18.78 -12.31
CA PHE C 202 12.80 -18.27 -13.32
C PHE C 202 11.44 -18.95 -13.21
N ASP C 203 11.43 -20.27 -13.03
CA ASP C 203 10.16 -21.00 -12.93
C ASP C 203 9.36 -20.58 -11.72
N ILE C 204 10.04 -20.25 -10.60
CA ILE C 204 9.34 -19.80 -9.41
C ILE C 204 8.86 -18.37 -9.57
N ALA C 205 9.72 -17.49 -10.08
CA ALA C 205 9.37 -16.07 -10.16
C ALA C 205 8.25 -15.83 -11.16
N PHE C 206 8.25 -16.54 -12.28
CA PHE C 206 7.30 -16.35 -13.37
C PHE C 206 6.61 -17.68 -13.64
N PRO C 207 5.51 -17.98 -12.95
CA PRO C 207 4.82 -19.25 -13.16
C PRO C 207 3.76 -19.20 -14.27
S SO4 D . -2.35 25.99 5.89
O1 SO4 D . -1.38 26.52 4.96
O2 SO4 D . -3.60 25.79 5.16
O3 SO4 D . -2.53 26.92 7.00
O4 SO4 D . -1.93 24.70 6.45
S SO4 E . -9.59 16.25 -17.16
O1 SO4 E . -9.27 15.54 -18.40
O2 SO4 E . -9.67 15.29 -16.05
O3 SO4 E . -10.90 16.92 -17.30
O4 SO4 E . -8.54 17.25 -16.91
S SO4 F . 17.70 29.67 19.76
O1 SO4 F . 19.08 29.24 20.02
O2 SO4 F . 17.12 28.90 18.66
O3 SO4 F . 16.91 29.46 20.96
O4 SO4 F . 17.71 31.08 19.38
S SO4 G . -33.41 -15.28 6.35
O1 SO4 G . -32.20 -16.10 6.24
O2 SO4 G . -33.73 -14.63 5.07
O3 SO4 G . -34.54 -16.12 6.75
O4 SO4 G . -33.22 -14.22 7.34
S SO4 H . -18.65 5.31 14.54
O1 SO4 H . -17.27 4.92 14.41
O2 SO4 H . -19.53 4.15 14.50
O3 SO4 H . -18.96 6.25 13.46
O4 SO4 H . -18.86 5.95 15.85
#